data_3HE8
#
_entry.id   3HE8
#
_cell.length_a   69.515
_cell.length_b   69.515
_cell.length_c   154.434
_cell.angle_alpha   90.00
_cell.angle_beta   90.00
_cell.angle_gamma   120.00
#
_symmetry.space_group_name_H-M   'P 32 2 1'
#
loop_
_entity.id
_entity.type
_entity.pdbx_description
1 polymer 'Ribose-5-phosphate isomerase'
2 non-polymer GLYCEROL
3 water water
#
_entity_poly.entity_id   1
_entity_poly.type   'polypeptide(L)'
_entity_poly.pdbx_seq_one_letter_code
;MKIGIGSDHGGYNLKREIADFLKKRGYEVIDFGTHGNESVDYPDFGLKVAEAVKSGECDRGIVICGTGLGISIAANKVPG
IRAAVCTNSYMARMSREHNDANILALGERVVGLDLALDIVDTWLKAEFQGGRHATRVGKIGEIEKKYSK
;
_entity_poly.pdbx_strand_id   A,B
#
# COMPACT_ATOMS: atom_id res chain seq x y z
N MET A 1 24.36 -1.00 -1.50
CA MET A 1 23.42 -0.16 -0.69
C MET A 1 23.12 -0.75 0.70
N LYS A 2 22.68 0.12 1.60
CA LYS A 2 22.34 -0.27 2.96
C LYS A 2 20.83 -0.53 2.94
N ILE A 3 20.42 -1.71 3.38
CA ILE A 3 19.00 -2.08 3.40
C ILE A 3 18.49 -2.16 4.84
N GLY A 4 17.48 -1.35 5.15
CA GLY A 4 16.81 -1.44 6.45
C GLY A 4 15.71 -2.48 6.36
N ILE A 5 15.58 -3.32 7.38
CA ILE A 5 14.53 -4.33 7.38
C ILE A 5 13.81 -4.31 8.72
N GLY A 6 12.50 -4.58 8.71
CA GLY A 6 11.72 -4.52 9.95
C GLY A 6 10.45 -5.33 9.83
N SER A 7 9.90 -5.76 10.96
CA SER A 7 8.65 -6.54 10.88
C SER A 7 7.93 -6.53 12.22
N ASP A 8 6.65 -6.92 12.21
CA ASP A 8 6.06 -7.39 13.47
C ASP A 8 6.28 -8.90 13.61
N HIS A 9 5.64 -9.51 14.61
CA HIS A 9 5.72 -10.95 14.82
C HIS A 9 5.16 -11.72 13.62
N GLY A 10 4.14 -11.16 12.95
CA GLY A 10 3.58 -11.77 11.73
C GLY A 10 4.53 -11.86 10.54
N GLY A 11 5.58 -11.02 10.50
CA GLY A 11 6.61 -11.09 9.45
C GLY A 11 8.04 -11.44 9.91
N TYR A 12 8.19 -11.87 11.15
CA TYR A 12 9.50 -12.13 11.76
C TYR A 12 10.33 -13.27 11.12
N ASN A 13 9.68 -14.40 10.83
CA ASN A 13 10.37 -15.54 10.23
C ASN A 13 10.80 -15.26 8.76
N LEU A 14 9.94 -14.58 8.01
CA LEU A 14 10.30 -14.18 6.66
C LEU A 14 11.43 -13.13 6.71
N LYS A 15 11.35 -12.20 7.66
CA LYS A 15 12.44 -11.22 7.83
C LYS A 15 13.78 -11.90 8.02
N ARG A 16 13.80 -12.96 8.83
CA ARG A 16 15.02 -13.73 9.12
C ARG A 16 15.61 -14.28 7.82
N GLU A 17 14.76 -14.92 7.00
CA GLU A 17 15.18 -15.43 5.70
C GLU A 17 15.66 -14.36 4.76
N ILE A 18 14.95 -13.23 4.69
CA ILE A 18 15.36 -12.16 3.76
C ILE A 18 16.71 -11.53 4.22
N ALA A 19 16.90 -11.41 5.53
CA ALA A 19 18.12 -10.80 6.06
C ALA A 19 19.32 -11.64 5.62
N ASP A 20 19.21 -12.96 5.79
CA ASP A 20 20.22 -13.94 5.36
C ASP A 20 20.48 -13.87 3.86
N PHE A 21 19.40 -13.86 3.05
CA PHE A 21 19.45 -13.70 1.61
C PHE A 21 20.26 -12.48 1.15
N LEU A 22 19.97 -11.34 1.77
CA LEU A 22 20.60 -10.07 1.42
C LEU A 22 22.10 -10.03 1.77
N LYS A 23 22.43 -10.54 2.95
CA LYS A 23 23.82 -10.54 3.42
C LYS A 23 24.70 -11.43 2.55
N LYS A 24 24.19 -12.61 2.22
CA LYS A 24 24.85 -13.53 1.28
C LYS A 24 25.06 -12.90 -0.08
N ARG A 25 24.29 -11.86 -0.36
CA ARG A 25 24.32 -11.13 -1.62
C ARG A 25 25.28 -9.93 -1.53
N GLY A 26 25.81 -9.69 -0.34
CA GLY A 26 26.76 -8.60 -0.12
C GLY A 26 26.19 -7.29 0.41
N TYR A 27 24.87 -7.23 0.66
CA TYR A 27 24.24 -6.02 1.18
C TYR A 27 24.54 -5.86 2.65
N GLU A 28 24.71 -4.61 3.08
CA GLU A 28 24.71 -4.29 4.49
C GLU A 28 23.26 -4.18 4.96
N VAL A 29 22.90 -4.98 5.94
CA VAL A 29 21.53 -5.05 6.40
C VAL A 29 21.42 -4.47 7.82
N ILE A 30 20.52 -3.51 7.99
CA ILE A 30 20.20 -3.00 9.33
C ILE A 30 18.85 -3.56 9.77
N ASP A 31 18.86 -4.41 10.79
CA ASP A 31 17.65 -5.06 11.31
C ASP A 31 17.03 -4.25 12.45
N PHE A 32 15.89 -3.62 12.16
CA PHE A 32 15.21 -2.80 13.15
C PHE A 32 14.26 -3.58 14.09
N GLY A 33 14.29 -4.90 14.00
CA GLY A 33 13.35 -5.73 14.76
C GLY A 33 12.02 -5.82 14.03
N THR A 34 11.03 -6.51 14.61
CA THR A 34 11.12 -7.19 15.90
C THR A 34 12.11 -8.35 15.90
N HIS A 35 12.44 -8.81 17.11
CA HIS A 35 13.51 -9.80 17.30
C HIS A 35 13.03 -11.13 17.86
N GLY A 36 11.71 -11.34 17.84
CA GLY A 36 11.11 -12.61 18.23
C GLY A 36 9.67 -12.77 17.80
N ASN A 37 9.03 -13.82 18.30
CA ASN A 37 7.66 -14.18 17.92
C ASN A 37 6.59 -13.55 18.81
N GLU A 38 7.01 -12.83 19.85
CA GLU A 38 6.08 -12.15 20.77
C GLU A 38 5.22 -11.15 20.01
N SER A 39 3.94 -11.08 20.37
CA SER A 39 3.03 -10.15 19.72
C SER A 39 3.53 -8.70 19.89
N VAL A 40 3.68 -7.98 18.77
CA VAL A 40 4.10 -6.57 18.79
C VAL A 40 3.27 -5.77 17.78
N ASP A 41 3.50 -4.47 17.69
CA ASP A 41 2.64 -3.62 16.89
C ASP A 41 3.37 -3.17 15.62
N TYR A 42 2.82 -3.54 14.46
CA TYR A 42 3.47 -3.23 13.16
C TYR A 42 3.84 -1.74 12.95
N PRO A 43 3.02 -0.75 13.41
CA PRO A 43 3.47 0.63 13.14
C PRO A 43 4.82 1.03 13.74
N ASP A 44 5.20 0.43 14.88
CA ASP A 44 6.46 0.75 15.55
C ASP A 44 7.67 0.42 14.66
N PHE A 45 7.59 -0.72 13.97
CA PHE A 45 8.69 -1.19 13.14
C PHE A 45 8.62 -0.61 11.73
N GLY A 46 7.41 -0.41 11.22
CA GLY A 46 7.21 0.38 10.01
C GLY A 46 7.82 1.77 10.13
N LEU A 47 7.55 2.43 11.25
CA LEU A 47 8.13 3.74 11.51
C LEU A 47 9.67 3.72 11.52
N LYS A 48 10.29 2.78 12.24
CA LYS A 48 11.74 2.69 12.34
C LYS A 48 12.40 2.60 10.94
N VAL A 49 11.86 1.72 10.11
CA VAL A 49 12.45 1.48 8.79
C VAL A 49 12.22 2.74 7.94
N ALA A 50 11.00 3.28 7.97
CA ALA A 50 10.70 4.49 7.21
C ALA A 50 11.62 5.67 7.59
N GLU A 51 11.82 5.87 8.89
CA GLU A 51 12.66 6.98 9.35
C GLU A 51 14.13 6.78 8.99
N ALA A 52 14.61 5.55 9.00
CA ALA A 52 15.97 5.23 8.54
C ALA A 52 16.19 5.51 7.07
N VAL A 53 15.17 5.24 6.26
CA VAL A 53 15.27 5.50 4.83
C VAL A 53 15.19 7.01 4.57
N LYS A 54 14.28 7.66 5.29
CA LYS A 54 14.14 9.11 5.19
C LYS A 54 15.42 9.84 5.58
N SER A 55 16.09 9.39 6.63
CA SER A 55 17.31 10.06 7.11
C SER A 55 18.53 9.76 6.25
N GLY A 56 18.40 8.79 5.34
CA GLY A 56 19.53 8.33 4.54
C GLY A 56 20.42 7.36 5.29
N GLU A 57 20.03 6.97 6.50
CA GLU A 57 20.74 5.92 7.24
C GLU A 57 20.72 4.57 6.48
N CYS A 58 19.59 4.30 5.82
CA CYS A 58 19.45 3.19 4.89
C CYS A 58 19.11 3.78 3.55
N ASP A 59 19.57 3.15 2.46
CA ASP A 59 19.15 3.60 1.14
C ASP A 59 17.71 3.18 0.78
N ARG A 60 17.35 1.98 1.22
CA ARG A 60 16.03 1.40 0.92
C ARG A 60 15.62 0.52 2.07
N GLY A 61 14.33 0.20 2.16
CA GLY A 61 13.85 -0.62 3.27
C GLY A 61 12.91 -1.72 2.81
N ILE A 62 12.82 -2.76 3.64
CA ILE A 62 11.87 -3.84 3.41
C ILE A 62 11.10 -3.97 4.71
N VAL A 63 9.77 -3.99 4.62
CA VAL A 63 8.94 -4.16 5.84
C VAL A 63 8.03 -5.38 5.66
N ILE A 64 7.85 -6.16 6.72
CA ILE A 64 7.03 -7.38 6.58
C ILE A 64 6.03 -7.50 7.72
N CYS A 65 4.78 -7.83 7.41
CA CYS A 65 3.82 -8.23 8.47
C CYS A 65 2.99 -9.37 7.91
N GLY A 66 1.88 -9.73 8.52
CA GLY A 66 1.13 -10.88 7.99
C GLY A 66 0.79 -10.65 6.52
N THR A 67 0.30 -9.46 6.20
CA THR A 67 -0.14 -9.23 4.81
C THR A 67 0.75 -8.19 4.11
N GLY A 68 1.54 -7.47 4.90
CA GLY A 68 2.25 -6.29 4.40
C GLY A 68 1.42 -5.02 4.41
N LEU A 69 0.13 -5.13 4.68
CA LEU A 69 -0.72 -3.98 4.51
C LEU A 69 -0.55 -2.95 5.63
N GLY A 70 -0.63 -3.39 6.88
CA GLY A 70 -0.55 -2.48 8.00
C GLY A 70 0.79 -1.76 8.02
N ILE A 71 1.89 -2.52 7.91
CA ILE A 71 3.21 -1.94 8.07
C ILE A 71 3.52 -0.93 6.93
N SER A 72 3.03 -1.21 5.72
CA SER A 72 3.22 -0.31 4.58
C SER A 72 2.36 0.96 4.67
N ILE A 73 1.15 0.83 5.20
CA ILE A 73 0.30 2.02 5.41
C ILE A 73 1.01 2.96 6.42
N ALA A 74 1.45 2.39 7.53
CA ALA A 74 2.21 3.12 8.53
C ALA A 74 3.45 3.81 7.89
N ALA A 75 4.25 3.05 7.19
CA ALA A 75 5.46 3.61 6.51
C ALA A 75 5.12 4.78 5.56
N ASN A 76 4.02 4.65 4.81
CA ASN A 76 3.58 5.66 3.88
C ASN A 76 3.10 6.96 4.52
N LYS A 77 2.84 6.96 5.84
CA LYS A 77 2.52 8.20 6.56
C LYS A 77 3.71 9.15 6.71
N VAL A 78 4.93 8.63 6.51
CA VAL A 78 6.13 9.43 6.63
C VAL A 78 6.44 10.14 5.29
N PRO A 79 6.65 11.47 5.34
CA PRO A 79 6.90 12.20 4.09
C PRO A 79 8.19 11.71 3.41
N GLY A 80 8.14 11.57 2.09
CA GLY A 80 9.29 11.08 1.33
C GLY A 80 9.38 9.57 1.23
N ILE A 81 8.41 8.88 1.84
CA ILE A 81 8.41 7.42 1.83
C ILE A 81 7.33 6.94 0.87
N ARG A 82 7.69 5.95 0.06
CA ARG A 82 6.78 5.36 -0.91
C ARG A 82 6.92 3.86 -0.76
N ALA A 83 6.03 3.27 0.05
CA ALA A 83 6.12 1.85 0.41
C ALA A 83 5.15 1.07 -0.47
N ALA A 84 5.64 0.01 -1.10
CA ALA A 84 4.88 -0.76 -2.09
C ALA A 84 4.63 -2.19 -1.62
N VAL A 85 3.36 -2.53 -1.34
CA VAL A 85 3.01 -3.93 -1.03
C VAL A 85 2.91 -4.75 -2.31
N CYS A 86 3.84 -5.70 -2.49
CA CYS A 86 3.93 -6.48 -3.71
C CYS A 86 3.72 -7.97 -3.43
N THR A 87 2.89 -8.59 -4.25
CA THR A 87 2.62 -10.02 -4.12
C THR A 87 3.15 -10.82 -5.33
N ASN A 88 3.78 -10.12 -6.29
CA ASN A 88 4.47 -10.77 -7.42
C ASN A 88 5.59 -9.85 -7.95
N SER A 89 6.48 -10.39 -8.79
CA SER A 89 7.64 -9.60 -9.29
C SER A 89 7.22 -8.52 -10.27
N TYR A 90 6.14 -8.73 -11.02
CA TYR A 90 5.62 -7.66 -11.88
C TYR A 90 5.34 -6.37 -11.08
N MET A 91 4.58 -6.49 -9.98
CA MET A 91 4.35 -5.35 -9.06
C MET A 91 5.66 -4.76 -8.52
N ALA A 92 6.57 -5.63 -8.09
CA ALA A 92 7.86 -5.17 -7.56
C ALA A 92 8.60 -4.32 -8.61
N ARG A 93 8.67 -4.82 -9.85
CA ARG A 93 9.31 -4.05 -10.92
C ARG A 93 8.64 -2.70 -11.19
N MET A 94 7.31 -2.67 -11.30
CA MET A 94 6.59 -1.42 -11.52
C MET A 94 6.73 -0.47 -10.35
N SER A 95 6.81 -0.97 -9.12
CA SER A 95 6.94 -0.10 -7.96
C SER A 95 8.26 0.75 -8.05
N ARG A 96 9.32 0.16 -8.61
CA ARG A 96 10.60 0.86 -8.81
C ARG A 96 10.53 1.71 -10.07
N GLU A 97 10.18 1.09 -11.20
CA GLU A 97 10.07 1.79 -12.49
C GLU A 97 9.15 3.01 -12.52
N HIS A 98 7.97 2.90 -11.90
CA HIS A 98 6.96 3.97 -11.99
C HIS A 98 6.85 4.80 -10.69
N ASN A 99 6.86 4.14 -9.54
CA ASN A 99 6.62 4.82 -8.27
C ASN A 99 7.87 5.21 -7.49
N ASP A 100 9.04 4.86 -8.04
CA ASP A 100 10.32 5.00 -7.36
C ASP A 100 10.21 4.56 -5.89
N ALA A 101 9.61 3.38 -5.64
CA ALA A 101 9.37 2.93 -4.27
C ALA A 101 10.68 2.80 -3.52
N ASN A 102 10.74 3.34 -2.32
CA ASN A 102 11.97 3.16 -1.52
C ASN A 102 11.78 2.19 -0.35
N ILE A 103 10.56 1.67 -0.21
CA ILE A 103 10.30 0.57 0.73
C ILE A 103 9.47 -0.52 0.01
N LEU A 104 9.91 -1.77 0.16
CA LEU A 104 9.14 -2.93 -0.29
C LEU A 104 8.38 -3.52 0.90
N ALA A 105 7.09 -3.79 0.74
CA ALA A 105 6.32 -4.41 1.84
C ALA A 105 5.85 -5.82 1.44
N LEU A 106 5.96 -6.78 2.36
CA LEU A 106 5.65 -8.15 2.07
C LEU A 106 4.74 -8.75 3.15
N GLY A 107 3.98 -9.76 2.76
CA GLY A 107 3.04 -10.41 3.68
C GLY A 107 3.45 -11.83 3.86
N GLU A 108 4.02 -12.13 5.02
CA GLU A 108 4.49 -13.48 5.29
C GLU A 108 3.38 -14.56 5.18
N ARG A 109 2.14 -14.18 5.47
CA ARG A 109 0.99 -15.12 5.41
C ARG A 109 0.37 -15.21 4.03
N VAL A 110 0.90 -14.42 3.08
CA VAL A 110 0.36 -14.35 1.73
C VAL A 110 1.32 -14.96 0.70
N VAL A 111 2.60 -14.57 0.73
CA VAL A 111 3.58 -15.06 -0.24
C VAL A 111 4.46 -16.10 0.43
N GLY A 112 4.71 -17.22 -0.26
CA GLY A 112 5.61 -18.24 0.26
C GLY A 112 7.06 -17.76 0.13
N LEU A 113 7.97 -18.49 0.76
CA LEU A 113 9.35 -17.98 0.86
C LEU A 113 9.98 -17.72 -0.52
N ASP A 114 10.02 -18.73 -1.39
CA ASP A 114 10.72 -18.56 -2.66
C ASP A 114 10.11 -17.49 -3.52
N LEU A 115 8.78 -17.36 -3.48
CA LEU A 115 8.17 -16.25 -4.18
C LEU A 115 8.63 -14.89 -3.62
N ALA A 116 8.64 -14.77 -2.30
CA ALA A 116 9.06 -13.54 -1.65
C ALA A 116 10.51 -13.17 -2.04
N LEU A 117 11.40 -14.16 -2.10
CA LEU A 117 12.79 -13.90 -2.52
C LEU A 117 12.86 -13.46 -3.99
N ASP A 118 11.99 -14.01 -4.82
CA ASP A 118 11.91 -13.58 -6.22
C ASP A 118 11.48 -12.12 -6.33
N ILE A 119 10.49 -11.76 -5.53
CA ILE A 119 10.01 -10.38 -5.48
C ILE A 119 11.13 -9.42 -5.00
N VAL A 120 11.80 -9.78 -3.90
CA VAL A 120 12.94 -8.99 -3.38
C VAL A 120 14.05 -8.84 -4.44
N ASP A 121 14.44 -9.96 -5.06
CA ASP A 121 15.42 -9.93 -6.17
C ASP A 121 15.01 -8.92 -7.25
N THR A 122 13.76 -9.00 -7.70
CA THR A 122 13.27 -8.13 -8.75
C THR A 122 13.28 -6.67 -8.31
N TRP A 123 12.85 -6.42 -7.07
CA TRP A 123 12.72 -5.08 -6.57
C TRP A 123 14.10 -4.38 -6.46
N LEU A 124 15.10 -5.13 -5.98
CA LEU A 124 16.45 -4.59 -5.75
C LEU A 124 17.15 -4.23 -7.07
N LYS A 125 16.78 -4.92 -8.14
CA LYS A 125 17.42 -4.77 -9.43
C LYS A 125 16.74 -3.75 -10.34
N ALA A 126 15.45 -3.49 -10.12
CA ALA A 126 14.67 -2.59 -10.99
C ALA A 126 15.07 -1.11 -10.84
N GLU A 127 14.90 -0.33 -11.90
CA GLU A 127 15.36 1.05 -11.91
C GLU A 127 14.26 2.05 -12.22
N PHE A 128 14.24 3.16 -11.46
CA PHE A 128 13.26 4.23 -11.71
C PHE A 128 13.39 4.78 -13.13
N GLN A 129 12.25 4.98 -13.80
CA GLN A 129 12.21 5.38 -15.21
C GLN A 129 12.04 6.89 -15.49
N GLY A 130 11.90 7.67 -14.43
CA GLY A 130 11.76 9.12 -14.54
C GLY A 130 10.67 9.60 -15.48
N GLY A 131 10.89 10.75 -16.10
CA GLY A 131 9.88 11.29 -17.00
C GLY A 131 8.56 11.57 -16.31
N ARG A 132 7.45 11.19 -16.96
CA ARG A 132 6.12 11.47 -16.39
C ARG A 132 5.96 10.80 -15.01
N HIS A 133 6.75 9.76 -14.75
CA HIS A 133 6.72 9.08 -13.45
C HIS A 133 7.28 9.97 -12.33
N ALA A 134 8.30 10.79 -12.65
CA ALA A 134 8.81 11.79 -11.71
C ALA A 134 7.78 12.90 -11.45
N THR A 135 7.08 13.32 -12.50
CA THR A 135 6.02 14.30 -12.39
C THR A 135 4.98 13.78 -11.40
N ARG A 136 4.63 12.50 -11.55
CA ARG A 136 3.59 11.90 -10.68
C ARG A 136 4.04 11.72 -9.24
N VAL A 137 5.30 11.33 -9.06
CA VAL A 137 5.88 11.29 -7.71
C VAL A 137 5.90 12.70 -7.05
N GLY A 138 6.14 13.73 -7.86
CA GLY A 138 6.07 15.11 -7.36
C GLY A 138 4.67 15.41 -6.84
N LYS A 139 3.65 15.00 -7.59
CA LYS A 139 2.26 15.15 -7.15
C LYS A 139 1.96 14.43 -5.84
N ILE A 140 2.59 13.27 -5.59
CA ILE A 140 2.55 12.62 -4.25
C ILE A 140 3.14 13.55 -3.18
N GLY A 141 4.29 14.16 -3.51
CA GLY A 141 4.94 15.17 -2.67
C GLY A 141 4.03 16.36 -2.35
N GLU A 142 3.22 16.75 -3.32
CA GLU A 142 2.28 17.84 -3.09
C GLU A 142 1.22 17.48 -2.05
N ILE A 143 0.77 16.22 -2.07
CA ILE A 143 -0.20 15.79 -1.06
C ILE A 143 0.44 15.88 0.31
N GLU A 144 1.68 15.40 0.43
CA GLU A 144 2.42 15.49 1.66
C GLU A 144 2.53 16.95 2.15
N LYS A 145 2.85 17.87 1.23
CA LYS A 145 2.97 19.29 1.62
C LYS A 145 1.64 19.88 2.09
N LYS A 146 0.55 19.45 1.46
CA LYS A 146 -0.79 19.89 1.84
C LYS A 146 -1.09 19.52 3.29
N TYR A 147 -0.73 18.30 3.68
CA TYR A 147 -1.14 17.79 4.99
C TYR A 147 -0.02 17.91 6.02
N SER A 148 1.09 18.50 5.60
CA SER A 148 2.19 18.68 6.55
C SER A 148 1.92 19.68 7.72
N MET B 1 -24.89 2.79 1.84
CA MET B 1 -23.45 3.13 1.96
C MET B 1 -22.94 3.74 0.64
N LYS B 2 -22.26 4.89 0.76
CA LYS B 2 -21.82 5.65 -0.40
C LYS B 2 -20.37 5.26 -0.67
N ILE B 3 -20.12 4.82 -1.89
CA ILE B 3 -18.76 4.39 -2.28
C ILE B 3 -18.19 5.39 -3.27
N GLY B 4 -17.05 5.99 -2.93
CA GLY B 4 -16.31 6.82 -3.88
C GLY B 4 -15.39 5.94 -4.70
N ILE B 5 -15.32 6.17 -6.01
CA ILE B 5 -14.42 5.39 -6.86
C ILE B 5 -13.60 6.34 -7.73
N GLY B 6 -12.35 5.96 -8.03
CA GLY B 6 -11.49 6.83 -8.86
C GLY B 6 -10.36 6.03 -9.47
N SER B 7 -9.79 6.55 -10.56
CA SER B 7 -8.70 5.83 -11.22
C SER B 7 -7.88 6.77 -12.09
N ASP B 8 -6.69 6.31 -12.50
CA ASP B 8 -6.07 6.92 -13.68
C ASP B 8 -6.54 6.16 -14.94
N HIS B 9 -5.94 6.44 -16.10
CA HIS B 9 -6.24 5.74 -17.34
C HIS B 9 -5.93 4.24 -17.21
N GLY B 10 -4.89 3.91 -16.43
CA GLY B 10 -4.51 2.52 -16.17
C GLY B 10 -5.57 1.69 -15.44
N GLY B 11 -6.48 2.35 -14.70
CA GLY B 11 -7.57 1.65 -14.02
C GLY B 11 -8.99 2.01 -14.49
N TYR B 12 -9.10 2.73 -15.59
CA TYR B 12 -10.40 3.27 -16.05
C TYR B 12 -11.43 2.20 -16.44
N ASN B 13 -10.97 1.18 -17.17
CA ASN B 13 -11.86 0.11 -17.64
C ASN B 13 -12.35 -0.79 -16.48
N LEU B 14 -11.46 -1.12 -15.55
CA LEU B 14 -11.87 -1.83 -14.35
C LEU B 14 -12.83 -0.98 -13.50
N LYS B 15 -12.55 0.32 -13.38
CA LYS B 15 -13.46 1.22 -12.64
C LYS B 15 -14.88 1.18 -13.19
N ARG B 16 -15.01 1.16 -14.52
CA ARG B 16 -16.30 1.10 -15.19
C ARG B 16 -17.06 -0.16 -14.75
N GLU B 17 -16.37 -1.30 -14.79
CA GLU B 17 -16.96 -2.58 -14.36
C GLU B 17 -17.32 -2.59 -12.89
N ILE B 18 -16.46 -2.07 -12.02
CA ILE B 18 -16.77 -2.05 -10.59
C ILE B 18 -17.95 -1.10 -10.29
N ALA B 19 -18.02 0.03 -10.99
CA ALA B 19 -19.10 1.00 -10.77
C ALA B 19 -20.45 0.32 -11.09
N ASP B 20 -20.53 -0.36 -12.23
CA ASP B 20 -21.71 -1.14 -12.63
C ASP B 20 -22.09 -2.23 -11.63
N PHE B 21 -21.09 -3.03 -11.23
CA PHE B 21 -21.22 -4.03 -10.16
C PHE B 21 -21.85 -3.48 -8.88
N LEU B 22 -21.34 -2.35 -8.42
CA LEU B 22 -21.77 -1.74 -7.17
C LEU B 22 -23.20 -1.17 -7.26
N LYS B 23 -23.48 -0.48 -8.36
CA LYS B 23 -24.81 0.12 -8.56
C LYS B 23 -25.86 -0.99 -8.59
N LYS B 24 -25.60 -2.03 -9.38
CA LYS B 24 -26.43 -3.25 -9.44
C LYS B 24 -26.70 -3.86 -8.07
N ARG B 25 -25.80 -3.62 -7.13
CA ARG B 25 -26.00 -4.12 -5.77
C ARG B 25 -26.63 -3.08 -4.84
N GLY B 26 -27.03 -1.95 -5.42
CA GLY B 26 -27.78 -0.93 -4.68
C GLY B 26 -26.94 0.06 -3.90
N TYR B 27 -25.63 0.09 -4.15
CA TYR B 27 -24.76 1.11 -3.57
C TYR B 27 -24.91 2.41 -4.31
N GLU B 28 -24.78 3.52 -3.58
CA GLU B 28 -24.63 4.81 -4.22
C GLU B 28 -23.15 5.02 -4.56
N VAL B 29 -22.87 5.26 -5.82
CA VAL B 29 -21.48 5.36 -6.29
C VAL B 29 -21.16 6.77 -6.77
N ILE B 30 -20.16 7.40 -6.16
CA ILE B 30 -19.67 8.69 -6.65
C ILE B 30 -18.39 8.42 -7.45
N ASP B 31 -18.44 8.66 -8.76
CA ASP B 31 -17.30 8.49 -9.66
C ASP B 31 -16.47 9.76 -9.77
N PHE B 32 -15.27 9.76 -9.18
CA PHE B 32 -14.38 10.92 -9.21
C PHE B 32 -13.52 11.03 -10.48
N GLY B 33 -13.76 10.17 -11.46
CA GLY B 33 -12.91 10.10 -12.64
C GLY B 33 -11.66 9.26 -12.35
N THR B 34 -10.77 9.11 -13.33
CA THR B 34 -10.85 9.74 -14.64
C THR B 34 -12.00 9.20 -15.47
N HIS B 35 -12.33 9.94 -16.54
CA HIS B 35 -13.52 9.63 -17.33
C HIS B 35 -13.19 9.15 -18.74
N GLY B 36 -11.92 8.82 -18.98
CA GLY B 36 -11.49 8.27 -20.26
C GLY B 36 -10.14 7.57 -20.22
N ASN B 37 -9.66 7.22 -21.42
CA ASN B 37 -8.41 6.48 -21.60
C ASN B 37 -7.19 7.39 -21.76
N GLU B 38 -7.42 8.70 -21.81
CA GLU B 38 -6.33 9.67 -21.96
C GLU B 38 -5.38 9.56 -20.77
N SER B 39 -4.09 9.71 -21.04
CA SER B 39 -3.09 9.61 -19.98
C SER B 39 -3.33 10.71 -18.92
N VAL B 40 -3.44 10.29 -17.65
CA VAL B 40 -3.59 11.22 -16.52
C VAL B 40 -2.72 10.79 -15.33
N ASP B 41 -2.78 11.57 -14.25
CA ASP B 41 -1.88 11.36 -13.13
C ASP B 41 -2.64 10.75 -11.94
N TYR B 42 -2.27 9.52 -11.59
CA TYR B 42 -2.94 8.82 -10.46
C TYR B 42 -3.06 9.62 -9.14
N PRO B 43 -2.05 10.43 -8.74
CA PRO B 43 -2.27 11.15 -7.46
C PRO B 43 -3.50 12.06 -7.42
N ASP B 44 -3.88 12.63 -8.58
CA ASP B 44 -5.03 13.55 -8.63
C ASP B 44 -6.33 12.84 -8.25
N PHE B 45 -6.47 11.59 -8.70
CA PHE B 45 -7.70 10.83 -8.45
C PHE B 45 -7.65 10.08 -7.13
N GLY B 46 -6.45 9.62 -6.75
CA GLY B 46 -6.22 9.14 -5.38
C GLY B 46 -6.63 10.18 -4.33
N LEU B 47 -6.19 11.42 -4.54
CA LEU B 47 -6.54 12.49 -3.63
C LEU B 47 -8.06 12.74 -3.55
N LYS B 48 -8.73 12.85 -4.70
CA LYS B 48 -10.17 13.08 -4.74
C LYS B 48 -10.92 12.04 -3.89
N VAL B 49 -10.64 10.75 -4.12
CA VAL B 49 -11.32 9.69 -3.38
C VAL B 49 -10.95 9.76 -1.89
N ALA B 50 -9.67 9.91 -1.58
CA ALA B 50 -9.25 10.02 -0.18
C ALA B 50 -9.94 11.19 0.53
N GLU B 51 -9.96 12.36 -0.10
CA GLU B 51 -10.59 13.52 0.56
C GLU B 51 -12.10 13.36 0.73
N ALA B 52 -12.76 12.68 -0.20
CA ALA B 52 -14.19 12.38 -0.05
C ALA B 52 -14.50 11.43 1.09
N VAL B 53 -13.61 10.47 1.31
CA VAL B 53 -13.78 9.54 2.43
C VAL B 53 -13.47 10.25 3.75
N LYS B 54 -12.40 11.06 3.74
CA LYS B 54 -12.03 11.81 4.94
C LYS B 54 -13.16 12.75 5.40
N SER B 55 -13.82 13.39 4.44
CA SER B 55 -14.86 14.38 4.76
C SER B 55 -16.20 13.74 5.13
N GLY B 56 -16.33 12.44 4.87
CA GLY B 56 -17.60 11.74 5.07
C GLY B 56 -18.57 11.87 3.90
N GLU B 57 -18.16 12.52 2.81
CA GLU B 57 -18.97 12.54 1.59
C GLU B 57 -19.20 11.10 1.10
N CYS B 58 -18.14 10.29 1.17
CA CYS B 58 -18.22 8.86 0.90
C CYS B 58 -17.90 8.11 2.17
N ASP B 59 -18.55 6.97 2.40
CA ASP B 59 -18.22 6.11 3.53
C ASP B 59 -16.87 5.37 3.35
N ARG B 60 -16.66 4.92 2.13
CA ARG B 60 -15.38 4.31 1.76
C ARG B 60 -15.13 4.48 0.29
N GLY B 61 -13.93 4.12 -0.14
CA GLY B 61 -13.56 4.35 -1.52
C GLY B 61 -12.78 3.21 -2.14
N ILE B 62 -12.78 3.19 -3.47
CA ILE B 62 -12.03 2.18 -4.23
C ILE B 62 -11.21 2.99 -5.22
N VAL B 63 -9.90 2.71 -5.28
CA VAL B 63 -9.02 3.42 -6.23
C VAL B 63 -8.32 2.39 -7.11
N ILE B 64 -8.15 2.71 -8.38
CA ILE B 64 -7.57 1.72 -9.30
C ILE B 64 -6.51 2.39 -10.16
N CYS B 65 -5.34 1.75 -10.28
CA CYS B 65 -4.40 2.15 -11.35
C CYS B 65 -3.84 0.89 -11.97
N GLY B 66 -2.74 0.98 -12.73
CA GLY B 66 -2.24 -0.25 -13.37
C GLY B 66 -1.96 -1.31 -12.31
N THR B 67 -1.34 -0.91 -11.21
CA THR B 67 -0.96 -1.90 -10.17
C THR B 67 -1.72 -1.68 -8.87
N GLY B 68 -2.35 -0.52 -8.74
CA GLY B 68 -2.86 -0.05 -7.46
C GLY B 68 -1.84 0.59 -6.54
N LEU B 69 -0.56 0.54 -6.91
CA LEU B 69 0.46 0.97 -5.97
C LEU B 69 0.51 2.50 -5.86
N GLY B 70 0.57 3.18 -7.00
CA GLY B 70 0.74 4.62 -6.99
C GLY B 70 -0.46 5.28 -6.35
N ILE B 71 -1.65 4.88 -6.74
CA ILE B 71 -2.85 5.58 -6.29
C ILE B 71 -3.06 5.34 -4.76
N SER B 72 -2.68 4.17 -4.26
CA SER B 72 -2.85 3.86 -2.83
C SER B 72 -1.80 4.58 -1.96
N ILE B 73 -0.59 4.73 -2.49
CA ILE B 73 0.44 5.49 -1.79
C ILE B 73 -0.03 6.95 -1.66
N ALA B 74 -0.49 7.53 -2.76
CA ALA B 74 -1.02 8.89 -2.75
C ALA B 74 -2.17 9.02 -1.73
N ALA B 75 -3.13 8.10 -1.78
CA ALA B 75 -4.29 8.15 -0.85
C ALA B 75 -3.85 8.05 0.63
N ASN B 76 -2.85 7.20 0.89
CA ASN B 76 -2.33 7.01 2.24
C ASN B 76 -1.58 8.24 2.80
N LYS B 77 -1.28 9.22 1.95
CA LYS B 77 -0.70 10.48 2.43
C LYS B 77 -1.70 11.37 3.17
N VAL B 78 -3.00 11.08 3.01
CA VAL B 78 -4.07 11.84 3.65
C VAL B 78 -4.33 11.28 5.07
N PRO B 79 -4.31 12.15 6.09
CA PRO B 79 -4.52 11.65 7.45
C PRO B 79 -5.93 11.08 7.62
N GLY B 80 -6.02 9.95 8.31
CA GLY B 80 -7.29 9.27 8.49
C GLY B 80 -7.61 8.27 7.40
N ILE B 81 -6.73 8.17 6.40
CA ILE B 81 -6.95 7.27 5.27
C ILE B 81 -6.05 6.06 5.41
N ARG B 82 -6.62 4.88 5.18
CA ARG B 82 -5.87 3.62 5.26
C ARG B 82 -6.24 2.85 3.99
N ALA B 83 -5.39 2.97 2.96
CA ALA B 83 -5.71 2.43 1.63
C ALA B 83 -4.94 1.12 1.48
N ALA B 84 -5.66 0.06 1.10
CA ALA B 84 -5.09 -1.29 1.08
C ALA B 84 -5.04 -1.85 -0.34
N VAL B 85 -3.83 -2.02 -0.87
CA VAL B 85 -3.72 -2.70 -2.18
C VAL B 85 -3.81 -4.24 -2.03
N CYS B 86 -4.90 -4.80 -2.56
CA CYS B 86 -5.20 -6.21 -2.41
C CYS B 86 -5.19 -6.93 -3.76
N THR B 87 -4.52 -8.07 -3.79
CA THR B 87 -4.45 -8.89 -5.00
C THR B 87 -5.20 -10.22 -4.82
N ASN B 88 -5.79 -10.44 -3.63
CA ASN B 88 -6.67 -11.59 -3.38
C ASN B 88 -7.65 -11.27 -2.25
N SER B 89 -8.66 -12.14 -2.05
CA SER B 89 -9.72 -11.88 -1.07
C SER B 89 -9.23 -12.02 0.36
N TYR B 90 -8.28 -12.94 0.59
CA TYR B 90 -7.66 -13.01 1.91
C TYR B 90 -7.11 -11.66 2.39
N MET B 91 -6.32 -10.98 1.55
CA MET B 91 -5.84 -9.63 1.86
C MET B 91 -6.99 -8.65 2.06
N ALA B 92 -7.99 -8.72 1.18
CA ALA B 92 -9.15 -7.81 1.29
C ALA B 92 -9.82 -7.98 2.67
N ARG B 93 -10.06 -9.23 3.07
CA ARG B 93 -10.66 -9.47 4.40
C ARG B 93 -9.80 -8.97 5.57
N MET B 94 -8.51 -9.24 5.56
CA MET B 94 -7.61 -8.77 6.62
C MET B 94 -7.49 -7.25 6.63
N SER B 95 -7.59 -6.60 5.48
CA SER B 95 -7.46 -5.14 5.45
C SER B 95 -8.61 -4.48 6.27
N ARG B 96 -9.78 -5.11 6.22
CA ARG B 96 -10.96 -4.63 6.97
C ARG B 96 -10.87 -5.11 8.42
N GLU B 97 -10.72 -6.43 8.62
CA GLU B 97 -10.56 -7.00 9.98
C GLU B 97 -9.48 -6.42 10.88
N HIS B 98 -8.29 -6.20 10.31
CA HIS B 98 -7.14 -5.77 11.11
C HIS B 98 -6.82 -4.29 10.93
N ASN B 99 -6.89 -3.79 9.70
CA ASN B 99 -6.42 -2.44 9.41
C ASN B 99 -7.52 -1.40 9.34
N ASP B 100 -8.77 -1.86 9.49
CA ASP B 100 -9.96 -1.04 9.27
C ASP B 100 -9.79 -0.18 8.00
N ALA B 101 -9.33 -0.79 6.90
CA ALA B 101 -9.09 -0.03 5.68
C ALA B 101 -10.35 0.67 5.21
N ASN B 102 -10.25 1.96 4.90
CA ASN B 102 -11.41 2.66 4.33
C ASN B 102 -11.27 2.94 2.83
N ILE B 103 -10.15 2.51 2.24
CA ILE B 103 -9.99 2.54 0.78
C ILE B 103 -9.40 1.19 0.32
N LEU B 104 -10.03 0.59 -0.69
CA LEU B 104 -9.48 -0.57 -1.38
C LEU B 104 -8.74 -0.13 -2.65
N ALA B 105 -7.50 -0.60 -2.84
CA ALA B 105 -6.76 -0.23 -4.07
C ALA B 105 -6.56 -1.48 -4.95
N LEU B 106 -6.78 -1.33 -6.25
CA LEU B 106 -6.71 -2.46 -7.15
C LEU B 106 -5.81 -2.14 -8.35
N GLY B 107 -5.26 -3.17 -8.97
CA GLY B 107 -4.40 -2.96 -10.13
C GLY B 107 -4.98 -3.65 -11.33
N GLU B 108 -5.51 -2.85 -12.25
CA GLU B 108 -6.17 -3.39 -13.44
C GLU B 108 -5.27 -4.31 -14.29
N ARG B 109 -3.96 -4.05 -14.26
CA ARG B 109 -2.98 -4.84 -15.03
C ARG B 109 -2.48 -6.08 -14.30
N VAL B 110 -2.94 -6.26 -13.04
CA VAL B 110 -2.50 -7.34 -12.18
C VAL B 110 -3.62 -8.37 -11.94
N VAL B 111 -4.81 -7.88 -11.56
CA VAL B 111 -5.92 -8.80 -11.25
C VAL B 111 -6.91 -8.77 -12.42
N GLY B 112 -7.38 -9.95 -12.84
CA GLY B 112 -8.41 -10.03 -13.87
C GLY B 112 -9.77 -9.60 -13.31
N LEU B 113 -10.75 -9.43 -14.19
CA LEU B 113 -12.02 -8.82 -13.78
C LEU B 113 -12.70 -9.62 -12.65
N ASP B 114 -12.92 -10.92 -12.87
CA ASP B 114 -13.73 -11.67 -11.93
C ASP B 114 -13.03 -11.79 -10.61
N LEU B 115 -11.69 -11.88 -10.64
CA LEU B 115 -10.96 -11.86 -9.40
C LEU B 115 -11.15 -10.53 -8.66
N ALA B 116 -11.03 -9.41 -9.39
CA ALA B 116 -11.17 -8.09 -8.79
C ALA B 116 -12.56 -7.95 -8.14
N LEU B 117 -13.60 -8.44 -8.81
CA LEU B 117 -14.97 -8.41 -8.24
C LEU B 117 -15.10 -9.26 -6.98
N ASP B 118 -14.37 -10.38 -6.94
CA ASP B 118 -14.31 -11.25 -5.77
C ASP B 118 -13.72 -10.48 -4.59
N ILE B 119 -12.63 -9.77 -4.89
CA ILE B 119 -11.92 -8.98 -3.89
C ILE B 119 -12.83 -7.85 -3.35
N VAL B 120 -13.48 -7.13 -4.26
CA VAL B 120 -14.43 -6.04 -3.89
C VAL B 120 -15.55 -6.61 -3.01
N ASP B 121 -16.15 -7.71 -3.46
CA ASP B 121 -17.21 -8.38 -2.68
C ASP B 121 -16.74 -8.67 -1.27
N THR B 122 -15.57 -9.29 -1.15
CA THR B 122 -15.00 -9.62 0.14
C THR B 122 -14.73 -8.40 1.01
N TRP B 123 -14.15 -7.36 0.40
CA TRP B 123 -13.80 -6.16 1.12
C TRP B 123 -15.05 -5.47 1.71
N LEU B 124 -16.12 -5.40 0.91
CA LEU B 124 -17.34 -4.69 1.30
C LEU B 124 -18.10 -5.37 2.44
N LYS B 125 -17.91 -6.69 2.57
CA LYS B 125 -18.60 -7.51 3.56
C LYS B 125 -17.85 -7.69 4.87
N ALA B 126 -16.51 -7.57 4.83
CA ALA B 126 -15.66 -7.80 6.01
C ALA B 126 -15.84 -6.71 7.08
N GLU B 127 -15.60 -7.08 8.33
CA GLU B 127 -15.86 -6.17 9.46
C GLU B 127 -14.65 -5.98 10.33
N PHE B 128 -14.39 -4.73 10.74
CA PHE B 128 -13.28 -4.44 11.63
C PHE B 128 -13.44 -5.17 12.97
N GLN B 129 -12.33 -5.74 13.47
CA GLN B 129 -12.35 -6.60 14.63
C GLN B 129 -11.97 -5.92 15.96
N GLY B 130 -11.59 -4.65 15.91
CA GLY B 130 -11.21 -3.88 17.08
C GLY B 130 -10.14 -4.49 17.97
N GLY B 131 -10.24 -4.27 19.27
CA GLY B 131 -9.23 -4.78 20.18
C GLY B 131 -7.83 -4.27 19.87
N ARG B 132 -6.85 -5.17 19.89
CA ARG B 132 -5.45 -4.79 19.63
C ARG B 132 -5.29 -4.13 18.25
N HIS B 133 -6.19 -4.44 17.33
CA HIS B 133 -6.17 -3.84 15.98
C HIS B 133 -6.51 -2.35 16.03
N ALA B 134 -7.42 -1.95 16.93
CA ALA B 134 -7.71 -0.54 17.17
C ALA B 134 -6.50 0.20 17.76
N THR B 135 -5.80 -0.48 18.68
CA THR B 135 -4.59 0.05 19.31
C THR B 135 -3.55 0.32 18.22
N ARG B 136 -3.43 -0.63 17.29
CA ARG B 136 -2.44 -0.48 16.19
C ARG B 136 -2.82 0.58 15.19
N VAL B 137 -4.10 0.67 14.86
CA VAL B 137 -4.58 1.81 14.06
C VAL B 137 -4.31 3.19 14.74
N GLY B 138 -4.48 3.25 16.06
CA GLY B 138 -4.13 4.45 16.80
C GLY B 138 -2.66 4.80 16.60
N LYS B 139 -1.79 3.81 16.66
CA LYS B 139 -0.36 4.03 16.41
C LYS B 139 -0.08 4.57 14.99
N ILE B 140 -0.86 4.15 13.98
CA ILE B 140 -0.81 4.79 12.65
C ILE B 140 -1.16 6.29 12.76
N GLY B 141 -2.23 6.56 13.51
CA GLY B 141 -2.64 7.95 13.84
C GLY B 141 -1.55 8.76 14.53
N GLU B 142 -0.74 8.11 15.36
CA GLU B 142 0.38 8.80 16.00
C GLU B 142 1.45 9.21 14.98
N ILE B 143 1.67 8.38 13.96
CA ILE B 143 2.61 8.76 12.91
C ILE B 143 2.09 9.99 12.17
N GLU B 144 0.80 9.97 11.79
CA GLU B 144 0.18 11.12 11.18
C GLU B 144 0.35 12.40 12.02
N LYS B 145 0.11 12.31 13.33
CA LYS B 145 0.24 13.48 14.20
C LYS B 145 1.68 13.99 14.25
N LYS B 146 2.65 13.08 14.15
CA LYS B 146 4.06 13.42 14.20
C LYS B 146 4.45 14.27 13.00
N TYR B 147 3.95 13.91 11.82
CA TYR B 147 4.34 14.57 10.57
C TYR B 147 3.33 15.59 10.11
N SER B 148 2.29 15.76 10.92
CA SER B 148 1.26 16.76 10.62
C SER B 148 1.76 18.25 10.65
#